data_2O12
#
_entry.id   2O12
#
_cell.length_a   133.445
_cell.length_b   133.445
_cell.length_c   158.619
_cell.angle_alpha   90.00
_cell.angle_beta   90.00
_cell.angle_gamma   120.00
#
_symmetry.space_group_name_H-M   'P 64 2 2'
#
loop_
_entity.id
_entity.type
_entity.pdbx_description
1 polymer 'Chorismate synthase'
2 non-polymer 'ACETATE ION'
3 non-polymer 'SODIUM ION'
4 non-polymer 'FLAVIN MONONUCLEOTIDE'
5 water water
#
_entity_poly.entity_id   1
_entity_poly.type   'polypeptide(L)'
_entity_poly.pdbx_seq_one_letter_code
;MLRWITAGESHGRALVAVVEGMVAGVHVTSADIADQLARRRLGYGRGARMTFERDAVTVLSGIRHGSTLGGPIAIEIGNT
EWPKWETVMAADPVDPAELADVARNAPLTRPRPGHADYAGMLKYGFDDARPVLERASARETAARVAAGTVARAFLRQALG
VEVLSHVISIGASAPYEGPPPRAEDLPAIDASPVRAYDKAAEADMIAQIEAAKKDGDTLGGVVEAVALGLPVGLGSFTSG
DHRLDSQLAAAVMGIQAIKGVEIGDGFQTARRRGSRAHDEMYPGPDGVVRSTNRAGGLEGGMTNGQPLRVRAAMKPISTV
PRALATVDLATGDEAVAIHQRSDVCAVPAAGVVVETMVALVLARAALEKFGGDSLAETQRNIAAYQRSVADREAPAARVS
GHHHHHH
;
_entity_poly.pdbx_strand_id   A
#
loop_
_chem_comp.id
_chem_comp.type
_chem_comp.name
_chem_comp.formula
ACT non-polymer 'ACETATE ION' 'C2 H3 O2 -1'
FMN non-polymer 'FLAVIN MONONUCLEOTIDE' 'C17 H21 N4 O9 P'
NA non-polymer 'SODIUM ION' 'Na 1'
#
# COMPACT_ATOMS: atom_id res chain seq x y z
N MET A 1 9.08 10.13 -16.45
CA MET A 1 8.21 9.09 -15.86
C MET A 1 8.01 9.37 -14.36
N LEU A 2 6.79 9.15 -13.87
CA LEU A 2 6.54 9.28 -12.43
C LEU A 2 7.31 8.21 -11.70
N ARG A 3 8.04 8.63 -10.65
CA ARG A 3 8.80 7.71 -9.81
CA ARG A 3 8.82 7.71 -9.81
C ARG A 3 8.63 8.11 -8.36
N TRP A 4 8.73 7.14 -7.48
CA TRP A 4 8.58 7.34 -6.01
C TRP A 4 9.65 6.59 -5.28
N ILE A 5 10.13 7.20 -4.21
CA ILE A 5 11.07 6.50 -3.37
CA ILE A 5 11.22 6.68 -3.40
C ILE A 5 10.81 6.86 -1.93
N THR A 6 11.01 5.86 -1.08
CA THR A 6 10.88 6.06 0.38
C THR A 6 12.25 5.89 1.03
N ALA A 7 12.43 6.55 2.17
CA ALA A 7 13.64 6.42 2.94
C ALA A 7 13.25 6.55 4.40
N GLY A 8 14.06 5.96 5.25
CA GLY A 8 13.85 6.06 6.70
C GLY A 8 13.87 4.73 7.38
N GLU A 9 14.28 4.77 8.66
CA GLU A 9 14.21 3.62 9.54
C GLU A 9 13.03 3.88 10.51
N SER A 10 12.40 2.81 10.98
CA SER A 10 11.21 2.88 11.84
CA SER A 10 11.20 2.90 11.82
C SER A 10 11.47 3.75 13.05
N HIS A 11 12.63 3.54 13.65
CA HIS A 11 13.02 4.32 14.85
C HIS A 11 14.07 5.37 14.56
N GLY A 12 14.27 5.70 13.29
CA GLY A 12 15.13 6.82 12.93
C GLY A 12 14.47 8.16 13.16
N ARG A 13 15.19 9.22 12.83
CA ARG A 13 14.71 10.58 13.06
CA ARG A 13 14.66 10.56 13.11
C ARG A 13 13.39 10.89 12.33
N ALA A 14 13.31 10.43 11.08
CA ALA A 14 12.16 10.73 10.25
C ALA A 14 12.14 9.77 9.07
N LEU A 15 10.97 9.73 8.46
CA LEU A 15 10.81 9.11 7.13
C LEU A 15 10.75 10.19 6.09
N VAL A 16 11.09 9.82 4.85
CA VAL A 16 11.03 10.75 3.75
C VAL A 16 10.44 10.00 2.54
N ALA A 17 9.52 10.66 1.86
CA ALA A 17 9.03 10.22 0.54
C ALA A 17 9.44 11.26 -0.48
N VAL A 18 9.93 10.80 -1.64
CA VAL A 18 10.18 11.69 -2.76
C VAL A 18 9.40 11.19 -3.97
N VAL A 19 8.67 12.11 -4.60
CA VAL A 19 7.94 11.84 -5.86
C VAL A 19 8.54 12.73 -6.94
N GLU A 20 9.04 12.11 -8.03
CA GLU A 20 9.58 12.86 -9.13
C GLU A 20 8.78 12.62 -10.38
N GLY A 21 8.63 13.62 -11.24
CA GLY A 21 7.92 13.46 -12.52
C GLY A 21 6.44 13.76 -12.48
N MET A 22 5.97 14.34 -11.37
CA MET A 22 4.59 14.84 -11.32
C MET A 22 4.49 16.20 -11.96
N VAL A 23 3.44 16.39 -12.74
CA VAL A 23 3.17 17.68 -13.38
C VAL A 23 2.96 18.80 -12.35
N ALA A 24 3.26 20.03 -12.78
CA ALA A 24 2.94 21.23 -11.98
C ALA A 24 1.43 21.43 -11.97
N GLY A 25 0.94 22.11 -10.94
CA GLY A 25 -0.45 22.56 -10.94
C GLY A 25 -1.44 21.63 -10.24
N VAL A 26 -0.95 20.54 -9.66
CA VAL A 26 -1.81 19.63 -8.89
C VAL A 26 -1.98 20.18 -7.48
N HIS A 27 -3.25 20.32 -7.06
CA HIS A 27 -3.54 20.85 -5.73
CA HIS A 27 -3.55 20.86 -5.74
C HIS A 27 -3.42 19.77 -4.67
N VAL A 28 -2.47 19.94 -3.78
CA VAL A 28 -2.27 19.03 -2.67
C VAL A 28 -1.56 19.75 -1.52
N THR A 29 -1.98 19.45 -0.31
CA THR A 29 -1.52 20.15 0.88
C THR A 29 -1.04 19.20 1.95
N SER A 30 -0.34 19.76 2.95
CA SER A 30 0.09 18.99 4.10
CA SER A 30 0.09 19.02 4.11
C SER A 30 -1.10 18.35 4.81
N ALA A 31 -2.23 19.04 4.85
CA ALA A 31 -3.45 18.48 5.47
C ALA A 31 -3.96 17.24 4.72
N ASP A 32 -3.90 17.27 3.39
CA ASP A 32 -4.27 16.11 2.58
C ASP A 32 -3.40 14.90 2.93
N ILE A 33 -2.11 15.14 3.03
CA ILE A 33 -1.17 14.09 3.41
C ILE A 33 -1.45 13.56 4.80
N ALA A 34 -1.63 14.46 5.75
CA ALA A 34 -1.91 14.02 7.12
C ALA A 34 -3.19 13.18 7.19
N ASP A 35 -4.20 13.59 6.44
CA ASP A 35 -5.49 12.87 6.39
C ASP A 35 -5.28 11.44 5.90
N GLN A 36 -4.47 11.27 4.85
CA GLN A 36 -4.23 9.91 4.33
C GLN A 36 -3.38 9.10 5.30
N LEU A 37 -2.45 9.74 5.99
CA LEU A 37 -1.67 9.05 6.99
C LEU A 37 -2.54 8.53 8.16
N ALA A 38 -3.52 9.34 8.54
CA ALA A 38 -4.50 8.95 9.55
C ALA A 38 -5.31 7.74 9.11
N ARG A 39 -5.72 7.70 7.84
CA ARG A 39 -6.45 6.53 7.31
C ARG A 39 -5.61 5.25 7.42
N ARG A 40 -4.30 5.36 7.23
CA ARG A 40 -3.40 4.20 7.32
C ARG A 40 -3.32 3.60 8.74
N ARG A 41 -3.73 4.38 9.73
CA ARG A 41 -3.74 3.95 11.12
C ARG A 41 -5.08 3.30 11.54
N LEU A 42 -6.05 3.25 10.64
CA LEU A 42 -7.37 2.70 10.94
C LEU A 42 -7.34 1.20 11.19
N GLY A 43 -8.24 0.72 12.06
CA GLY A 43 -8.45 -0.70 12.21
C GLY A 43 -8.45 -1.24 13.64
N TYR A 44 -9.45 -2.06 13.92
CA TYR A 44 -9.55 -2.82 15.16
C TYR A 44 -8.54 -3.96 15.14
N GLY A 45 -7.80 -4.13 16.23
CA GLY A 45 -6.80 -5.18 16.29
C GLY A 45 -5.36 -4.71 16.14
N ARG A 46 -5.16 -3.38 16.09
CA ARG A 46 -3.83 -2.76 16.17
C ARG A 46 -3.55 -2.26 17.58
N GLU A 53 0.61 12.29 15.29
CA GLU A 53 0.84 13.74 15.33
C GLU A 53 0.88 14.38 13.92
N ARG A 54 -0.15 15.16 13.59
CA ARG A 54 -0.24 15.76 12.26
C ARG A 54 0.88 16.76 11.97
N ASP A 55 1.39 17.40 13.02
CA ASP A 55 2.50 18.35 12.86
C ASP A 55 3.82 17.65 12.48
N ALA A 56 3.82 16.32 12.54
CA ALA A 56 4.93 15.48 12.14
C ALA A 56 5.14 15.45 10.60
N VAL A 57 4.12 15.84 9.84
CA VAL A 57 4.26 16.00 8.37
C VAL A 57 4.82 17.37 8.01
N THR A 58 5.91 17.37 7.25
CA THR A 58 6.47 18.59 6.71
C THR A 58 6.74 18.39 5.22
N VAL A 59 6.11 19.20 4.39
CA VAL A 59 6.43 19.22 2.95
C VAL A 59 7.68 20.07 2.78
N LEU A 60 8.76 19.46 2.31
CA LEU A 60 10.06 20.12 2.17
C LEU A 60 10.28 20.78 0.80
N SER A 61 9.75 20.18 -0.26
CA SER A 61 9.99 20.68 -1.61
C SER A 61 8.87 20.34 -2.55
N GLY A 62 8.84 21.04 -3.66
CA GLY A 62 8.04 20.66 -4.81
C GLY A 62 6.60 21.11 -4.82
N ILE A 63 6.18 21.81 -3.77
CA ILE A 63 4.83 22.30 -3.68
C ILE A 63 4.90 23.73 -3.14
N ARG A 64 4.17 24.62 -3.79
CA ARG A 64 4.10 26.02 -3.38
C ARG A 64 2.65 26.51 -3.39
N HIS A 65 2.24 27.06 -2.25
CA HIS A 65 0.89 27.59 -2.11
C HIS A 65 -0.17 26.55 -2.52
N GLY A 66 0.09 25.29 -2.14
CA GLY A 66 -0.84 24.19 -2.34
C GLY A 66 -0.88 23.63 -3.74
N SER A 67 0.06 24.01 -4.59
CA SER A 67 0.14 23.54 -5.98
CA SER A 67 0.13 23.54 -5.97
C SER A 67 1.52 22.96 -6.26
N THR A 68 1.55 21.79 -6.90
CA THR A 68 2.84 21.22 -7.27
C THR A 68 3.59 22.12 -8.25
N LEU A 69 4.92 22.09 -8.13
CA LEU A 69 5.80 22.94 -8.91
C LEU A 69 6.32 22.26 -10.18
N GLY A 70 6.24 20.94 -10.22
CA GLY A 70 6.84 20.20 -11.35
C GLY A 70 8.15 19.50 -11.02
N GLY A 71 8.85 19.96 -10.00
CA GLY A 71 10.09 19.34 -9.56
C GLY A 71 9.83 18.24 -8.54
N PRO A 72 10.90 17.67 -7.97
CA PRO A 72 10.74 16.61 -7.00
C PRO A 72 10.04 17.11 -5.74
N ILE A 73 9.11 16.29 -5.27
CA ILE A 73 8.32 16.59 -4.07
C ILE A 73 8.86 15.74 -2.94
N ALA A 74 9.38 16.37 -1.89
CA ALA A 74 9.94 15.63 -0.76
C ALA A 74 9.06 15.92 0.44
N ILE A 75 8.63 14.86 1.10
CA ILE A 75 7.71 14.94 2.24
C ILE A 75 8.40 14.22 3.40
N GLU A 76 8.48 14.89 4.55
CA GLU A 76 9.08 14.33 5.73
C GLU A 76 8.01 13.96 6.76
N ILE A 77 8.20 12.83 7.42
CA ILE A 77 7.28 12.37 8.50
C ILE A 77 8.15 12.15 9.73
N GLY A 78 8.05 13.04 10.71
CA GLY A 78 8.92 12.93 11.88
C GLY A 78 8.54 11.76 12.78
N ASN A 79 9.54 11.29 13.52
CA ASN A 79 9.39 10.21 14.48
C ASN A 79 9.21 10.84 15.85
N THR A 80 8.03 10.68 16.41
CA THR A 80 7.73 11.31 17.70
C THR A 80 8.50 10.72 18.88
N GLU A 81 8.97 9.49 18.75
CA GLU A 81 9.73 8.85 19.82
C GLU A 81 11.23 8.86 19.58
N TRP A 82 11.68 9.75 18.70
CA TRP A 82 13.11 9.91 18.38
C TRP A 82 13.98 10.06 19.64
N PRO A 83 13.54 10.87 20.62
CA PRO A 83 14.36 11.01 21.83
C PRO A 83 14.76 9.71 22.51
N LYS A 84 13.90 8.69 22.46
CA LYS A 84 14.24 7.36 22.98
C LYS A 84 15.29 6.63 22.16
N TRP A 85 15.38 6.99 20.87
CA TRP A 85 16.17 6.22 19.91
C TRP A 85 17.38 6.98 19.40
N GLU A 86 17.56 8.22 19.88
CA GLU A 86 18.57 9.10 19.32
C GLU A 86 20.00 8.61 19.50
N THR A 87 20.24 7.73 20.46
CA THR A 87 21.55 7.11 20.61
C THR A 87 21.67 5.79 19.89
N VAL A 88 20.70 4.90 20.11
CA VAL A 88 20.69 3.59 19.50
C VAL A 88 20.67 3.72 17.96
N MET A 89 19.91 4.67 17.47
CA MET A 89 19.79 4.90 16.00
C MET A 89 20.51 6.18 15.53
N ALA A 90 21.46 6.68 16.32
CA ALA A 90 22.25 7.85 15.92
C ALA A 90 22.92 7.58 14.58
N ALA A 91 22.91 8.58 13.71
CA ALA A 91 23.58 8.51 12.40
C ALA A 91 25.08 8.50 12.54
N ASP A 92 25.58 9.26 13.52
CA ASP A 92 27.02 9.39 13.70
C ASP A 92 27.55 8.43 14.77
N PRO A 93 28.86 8.18 14.75
CA PRO A 93 29.44 7.31 15.77
C PRO A 93 29.14 7.76 17.21
N VAL A 94 29.03 6.75 18.07
CA VAL A 94 28.85 6.91 19.50
C VAL A 94 29.95 6.10 20.16
N ASP A 95 30.48 6.61 21.26
N ASP A 95 30.53 6.63 21.23
CA ASP A 95 31.48 5.88 22.06
CA ASP A 95 31.59 5.90 21.93
C ASP A 95 30.98 4.46 22.32
C ASP A 95 31.07 4.52 22.35
N PRO A 96 31.74 3.44 21.88
CA PRO A 96 31.27 2.07 22.11
C PRO A 96 31.09 1.69 23.57
N ALA A 97 31.84 2.33 24.46
CA ALA A 97 31.72 2.11 25.90
C ALA A 97 30.38 2.63 26.42
N GLU A 98 30.02 3.84 26.01
CA GLU A 98 28.72 4.42 26.33
C GLU A 98 27.62 3.50 25.78
N LEU A 99 27.74 3.15 24.51
CA LEU A 99 26.79 2.25 23.87
C LEU A 99 26.64 0.93 24.61
N ALA A 100 27.74 0.41 25.14
CA ALA A 100 27.74 -0.90 25.81
C ALA A 100 26.86 -0.89 27.04
N ASP A 101 26.73 0.28 27.66
CA ASP A 101 25.84 0.43 28.82
C ASP A 101 24.36 0.68 28.49
N VAL A 102 23.97 0.65 27.22
CA VAL A 102 22.59 0.98 26.86
C VAL A 102 21.86 -0.33 26.55
N ALA A 103 20.93 -0.70 27.44
CA ALA A 103 20.20 -1.96 27.33
C ALA A 103 19.46 -2.03 25.99
N ARG A 104 18.89 -0.89 25.57
CA ARG A 104 18.11 -0.81 24.33
C ARG A 104 18.92 -1.22 23.09
N ASN A 105 20.23 -1.11 23.17
CA ASN A 105 21.16 -1.47 22.10
C ASN A 105 21.55 -2.96 22.16
N ALA A 106 20.89 -3.74 23.02
CA ALA A 106 21.18 -5.18 23.21
C ALA A 106 21.10 -5.92 21.86
N PRO A 107 21.83 -7.05 21.76
CA PRO A 107 21.93 -7.75 20.49
C PRO A 107 20.62 -8.41 20.13
N LEU A 108 20.26 -8.34 18.84
CA LEU A 108 19.07 -9.05 18.33
C LEU A 108 19.56 -10.13 17.37
N THR A 109 19.67 -11.36 17.86
CA THR A 109 20.30 -12.44 17.10
C THR A 109 19.43 -13.66 16.87
N ARG A 110 18.13 -13.54 17.20
CA ARG A 110 17.14 -14.60 17.12
C ARG A 110 16.06 -14.20 16.10
N PRO A 111 16.32 -14.51 14.81
CA PRO A 111 15.44 -14.03 13.74
C PRO A 111 14.03 -14.58 13.83
N ARG A 112 13.06 -13.72 13.55
CA ARG A 112 11.66 -14.11 13.56
C ARG A 112 11.27 -14.86 12.28
N PRO A 113 10.76 -16.08 12.42
CA PRO A 113 10.14 -16.75 11.26
C PRO A 113 9.10 -15.85 10.62
N GLY A 114 9.11 -15.76 9.29
CA GLY A 114 8.16 -14.92 8.62
C GLY A 114 8.56 -13.50 8.38
N HIS A 115 9.64 -13.03 9.03
CA HIS A 115 10.10 -11.67 8.85
CA HIS A 115 10.09 -11.65 8.81
C HIS A 115 11.39 -11.62 8.01
N ALA A 116 11.88 -10.42 7.71
CA ALA A 116 13.08 -10.23 6.92
C ALA A 116 14.37 -10.62 7.64
N ASP A 117 14.30 -10.77 8.96
CA ASP A 117 15.51 -10.87 9.81
C ASP A 117 16.58 -11.81 9.29
N TYR A 118 16.25 -13.09 9.13
CA TYR A 118 17.27 -14.10 8.81
C TYR A 118 17.90 -13.87 7.44
N ALA A 119 17.06 -13.79 6.42
CA ALA A 119 17.60 -13.61 5.06
C ALA A 119 18.38 -12.29 4.95
N GLY A 120 17.89 -11.22 5.58
CA GLY A 120 18.56 -9.93 5.50
C GLY A 120 19.88 -9.94 6.22
N MET A 121 19.94 -10.63 7.38
CA MET A 121 21.20 -10.73 8.12
C MET A 121 22.27 -11.44 7.29
N LEU A 122 21.90 -12.56 6.67
CA LEU A 122 22.84 -13.30 5.87
C LEU A 122 23.25 -12.48 4.64
N LYS A 123 22.25 -11.89 3.97
CA LYS A 123 22.51 -11.13 2.74
C LYS A 123 23.54 -10.02 2.93
N TYR A 124 23.34 -9.26 4.02
CA TYR A 124 24.14 -8.06 4.29
C TYR A 124 25.32 -8.32 5.25
N GLY A 125 25.43 -9.56 5.71
CA GLY A 125 26.53 -9.97 6.60
C GLY A 125 26.41 -9.34 7.98
N PHE A 126 25.18 -9.08 8.42
CA PHE A 126 24.96 -8.45 9.73
C PHE A 126 24.87 -9.52 10.81
N ASP A 127 25.49 -9.27 11.96
CA ASP A 127 25.33 -10.16 13.12
CA ASP A 127 25.35 -10.15 13.13
C ASP A 127 24.13 -9.81 14.00
N ASP A 128 23.47 -8.71 13.68
CA ASP A 128 22.36 -8.13 14.46
C ASP A 128 21.19 -7.89 13.51
N ALA A 129 19.98 -8.20 13.94
CA ALA A 129 18.77 -7.93 13.13
C ALA A 129 18.37 -6.46 13.10
N ARG A 130 18.88 -5.66 14.03
CA ARG A 130 18.45 -4.25 14.13
C ARG A 130 18.44 -3.51 12.78
N PRO A 131 19.58 -3.50 12.06
CA PRO A 131 19.62 -2.77 10.79
C PRO A 131 18.61 -3.31 9.73
N VAL A 132 18.28 -4.59 9.81
CA VAL A 132 17.28 -5.18 8.89
C VAL A 132 15.87 -4.76 9.27
N LEU A 133 15.48 -5.04 10.51
CA LEU A 133 14.10 -4.78 10.91
C LEU A 133 13.75 -3.31 10.86
N GLU A 134 14.73 -2.45 11.11
CA GLU A 134 14.49 -1.01 11.06
C GLU A 134 14.00 -0.52 9.71
N ARG A 135 14.55 -1.08 8.64
CA ARG A 135 14.15 -0.67 7.28
C ARG A 135 13.02 -1.56 6.70
N ALA A 136 13.01 -2.83 7.06
CA ALA A 136 11.98 -3.77 6.57
C ALA A 136 10.61 -3.48 7.15
N SER A 137 10.57 -2.88 8.33
CA SER A 137 9.32 -2.62 9.05
C SER A 137 8.30 -1.90 8.19
N ALA A 138 7.04 -2.29 8.37
CA ALA A 138 5.92 -1.68 7.70
C ALA A 138 5.62 -0.21 8.08
N ARG A 139 6.38 0.35 9.05
CA ARG A 139 6.39 1.80 9.27
CA ARG A 139 6.30 1.78 9.25
CA ARG A 139 6.38 1.79 9.26
C ARG A 139 6.68 2.51 7.94
N GLU A 140 7.50 1.88 7.09
CA GLU A 140 7.86 2.40 5.76
C GLU A 140 6.62 2.67 4.87
N THR A 141 5.54 1.96 5.12
CA THR A 141 4.31 2.19 4.35
C THR A 141 3.70 3.56 4.60
N ALA A 142 4.08 4.20 5.71
CA ALA A 142 3.66 5.57 5.93
C ALA A 142 4.23 6.50 4.86
N ALA A 143 5.53 6.32 4.56
CA ALA A 143 6.17 7.11 3.53
C ALA A 143 5.52 6.81 2.16
N ARG A 144 5.16 5.55 1.92
CA ARG A 144 4.44 5.20 0.68
C ARG A 144 3.15 6.00 0.57
N VAL A 145 2.37 6.04 1.66
CA VAL A 145 1.10 6.74 1.66
C VAL A 145 1.26 8.24 1.43
N ALA A 146 2.34 8.83 1.95
CA ALA A 146 2.62 10.25 1.67
C ALA A 146 2.77 10.48 0.15
N ALA A 147 3.59 9.64 -0.49
CA ALA A 147 3.76 9.69 -1.95
C ALA A 147 2.45 9.46 -2.70
N GLY A 148 1.72 8.46 -2.24
CA GLY A 148 0.44 8.10 -2.86
C GLY A 148 -0.58 9.21 -2.84
N THR A 149 -0.49 10.10 -1.83
CA THR A 149 -1.41 11.22 -1.74
C THR A 149 -1.28 12.17 -2.93
N VAL A 150 -0.04 12.38 -3.38
CA VAL A 150 0.22 13.19 -4.55
C VAL A 150 -0.41 12.53 -5.80
N ALA A 151 -0.18 11.22 -5.93
CA ALA A 151 -0.76 10.44 -7.03
C ALA A 151 -2.28 10.51 -7.04
N ARG A 152 -2.87 10.36 -5.86
CA ARG A 152 -4.32 10.37 -5.77
C ARG A 152 -4.94 11.74 -6.08
N ALA A 153 -4.28 12.82 -5.68
CA ALA A 153 -4.72 14.16 -6.06
C ALA A 153 -4.70 14.35 -7.57
N PHE A 154 -3.59 13.94 -8.20
CA PHE A 154 -3.49 13.99 -9.65
C PHE A 154 -4.63 13.21 -10.33
N LEU A 155 -4.87 11.98 -9.89
CA LEU A 155 -5.87 11.14 -10.53
C LEU A 155 -7.26 11.80 -10.45
N ARG A 156 -7.57 12.36 -9.29
CA ARG A 156 -8.87 13.02 -9.12
C ARG A 156 -9.00 14.25 -10.03
N GLN A 157 -7.98 15.11 -10.01
CA GLN A 157 -8.03 16.37 -10.71
C GLN A 157 -7.90 16.22 -12.22
N ALA A 158 -7.06 15.29 -12.65
CA ALA A 158 -6.84 15.08 -14.08
C ALA A 158 -7.91 14.22 -14.76
N LEU A 159 -8.32 13.17 -14.08
CA LEU A 159 -9.16 12.12 -14.67
C LEU A 159 -10.50 11.87 -13.98
N GLY A 160 -10.76 12.53 -12.85
CA GLY A 160 -11.97 12.24 -12.08
C GLY A 160 -11.97 10.84 -11.48
N VAL A 161 -10.78 10.28 -11.27
CA VAL A 161 -10.63 8.91 -10.78
C VAL A 161 -10.53 8.92 -9.25
N GLU A 162 -11.21 7.94 -8.64
CA GLU A 162 -11.17 7.70 -7.19
C GLU A 162 -10.68 6.30 -6.91
N VAL A 163 -9.87 6.14 -5.87
CA VAL A 163 -9.36 4.87 -5.44
C VAL A 163 -9.82 4.64 -4.01
N LEU A 164 -10.35 3.45 -3.76
CA LEU A 164 -10.75 3.08 -2.42
C LEU A 164 -10.50 1.61 -2.20
N SER A 165 -10.71 1.17 -0.96
CA SER A 165 -10.52 -0.23 -0.62
C SER A 165 -11.55 -0.65 0.42
N HIS A 166 -11.78 -1.95 0.46
CA HIS A 166 -12.60 -2.58 1.50
C HIS A 166 -12.04 -3.96 1.80
N VAL A 167 -12.34 -4.45 2.99
CA VAL A 167 -11.86 -5.74 3.44
C VAL A 167 -12.85 -6.85 3.11
N ILE A 168 -12.34 -7.87 2.44
CA ILE A 168 -13.13 -9.03 1.98
C ILE A 168 -13.23 -10.09 3.07
N SER A 169 -12.11 -10.39 3.73
CA SER A 169 -12.09 -11.40 4.78
C SER A 169 -10.95 -11.15 5.75
N ILE A 170 -11.13 -11.59 6.98
CA ILE A 170 -10.07 -11.62 8.00
C ILE A 170 -10.19 -12.97 8.68
N GLY A 171 -9.06 -13.66 8.83
CA GLY A 171 -9.05 -14.97 9.48
C GLY A 171 -9.98 -15.91 8.76
N ALA A 172 -10.79 -16.65 9.53
CA ALA A 172 -11.71 -17.63 8.95
C ALA A 172 -13.08 -17.05 8.60
N SER A 173 -13.20 -15.73 8.44
CA SER A 173 -14.49 -15.13 8.13
C SER A 173 -15.00 -15.60 6.76
N ALA A 174 -16.31 -15.58 6.59
CA ALA A 174 -16.90 -15.89 5.29
C ALA A 174 -16.71 -14.68 4.41
N PRO A 175 -15.99 -14.84 3.29
CA PRO A 175 -15.67 -13.68 2.47
C PRO A 175 -16.88 -12.94 1.96
N TYR A 176 -16.80 -11.62 1.95
CA TYR A 176 -17.81 -10.80 1.31
C TYR A 176 -17.74 -10.99 -0.21
N GLU A 177 -18.83 -11.45 -0.80
CA GLU A 177 -18.79 -11.59 -2.27
CA GLU A 177 -18.92 -11.76 -2.23
C GLU A 177 -19.87 -10.80 -2.97
N GLY A 178 -20.46 -9.86 -2.26
CA GLY A 178 -21.39 -8.91 -2.85
C GLY A 178 -20.70 -7.90 -3.76
N PRO A 179 -21.46 -6.93 -4.25
CA PRO A 179 -20.89 -5.95 -5.16
C PRO A 179 -19.91 -5.00 -4.46
N PRO A 180 -18.91 -4.51 -5.18
CA PRO A 180 -17.94 -3.60 -4.62
C PRO A 180 -18.52 -2.22 -4.33
N PRO A 181 -17.87 -1.46 -3.46
CA PRO A 181 -18.36 -0.13 -3.10
C PRO A 181 -18.05 0.91 -4.17
N ARG A 182 -18.73 2.04 -4.08
CA ARG A 182 -18.39 3.22 -4.86
C ARG A 182 -17.73 4.23 -3.94
N ALA A 183 -17.23 5.33 -4.51
CA ALA A 183 -16.53 6.35 -3.75
C ALA A 183 -17.37 6.90 -2.60
N GLU A 184 -18.67 7.07 -2.85
CA GLU A 184 -19.58 7.62 -1.84
C GLU A 184 -19.70 6.72 -0.60
N ASP A 185 -19.28 5.45 -0.73
CA ASP A 185 -19.34 4.49 0.36
C ASP A 185 -18.11 4.53 1.30
N LEU A 186 -17.10 5.32 0.97
CA LEU A 186 -15.86 5.27 1.74
C LEU A 186 -15.99 5.73 3.19
N PRO A 187 -16.80 6.78 3.42
CA PRO A 187 -16.99 7.18 4.82
C PRO A 187 -17.51 6.05 5.70
N ALA A 188 -18.51 5.31 5.23
CA ALA A 188 -19.04 4.19 5.98
C ALA A 188 -17.99 3.09 6.15
N ILE A 189 -17.24 2.80 5.09
CA ILE A 189 -16.18 1.81 5.19
C ILE A 189 -15.13 2.21 6.22
N ASP A 190 -14.66 3.45 6.15
CA ASP A 190 -13.59 3.88 7.07
C ASP A 190 -14.09 3.97 8.51
N ALA A 191 -15.41 4.11 8.68
CA ALA A 191 -16.03 4.06 10.02
C ALA A 191 -16.18 2.65 10.58
N SER A 192 -16.07 1.63 9.73
CA SER A 192 -16.13 0.25 10.20
C SER A 192 -14.84 -0.13 10.89
N PRO A 193 -14.94 -0.78 12.07
CA PRO A 193 -13.74 -1.23 12.76
C PRO A 193 -12.83 -2.12 11.90
N VAL A 194 -13.38 -2.80 10.90
CA VAL A 194 -12.56 -3.66 10.04
C VAL A 194 -12.60 -3.22 8.56
N ARG A 195 -13.07 -1.98 8.31
CA ARG A 195 -13.15 -1.39 6.98
C ARG A 195 -13.88 -2.33 6.01
N ALA A 196 -15.01 -2.86 6.48
CA ALA A 196 -15.88 -3.68 5.68
C ALA A 196 -17.00 -2.86 5.09
N TYR A 197 -17.44 -3.30 3.90
CA TYR A 197 -18.56 -2.70 3.19
C TYR A 197 -19.88 -3.45 3.46
N ASP A 198 -19.81 -4.56 4.18
CA ASP A 198 -20.97 -5.39 4.43
C ASP A 198 -21.11 -5.64 5.94
N LYS A 199 -22.31 -5.45 6.45
CA LYS A 199 -22.55 -5.52 7.90
C LYS A 199 -22.38 -6.94 8.47
N ALA A 200 -22.85 -7.95 7.74
CA ALA A 200 -22.69 -9.34 8.17
C ALA A 200 -21.22 -9.73 8.18
N ALA A 201 -20.51 -9.36 7.12
CA ALA A 201 -19.08 -9.68 7.03
C ALA A 201 -18.30 -8.96 8.15
N GLU A 202 -18.67 -7.71 8.39
CA GLU A 202 -18.09 -6.94 9.47
C GLU A 202 -18.17 -7.67 10.81
N ALA A 203 -19.37 -8.15 11.15
CA ALA A 203 -19.55 -8.81 12.44
C ALA A 203 -18.75 -10.08 12.53
N ASP A 204 -18.70 -10.83 11.42
CA ASP A 204 -17.96 -12.05 11.34
C ASP A 204 -16.46 -11.76 11.57
N MET A 205 -15.92 -10.80 10.81
CA MET A 205 -14.50 -10.43 11.00
C MET A 205 -14.14 -9.94 12.41
N ILE A 206 -14.99 -9.12 13.00
CA ILE A 206 -14.77 -8.62 14.37
C ILE A 206 -14.71 -9.80 15.33
N ALA A 207 -15.63 -10.75 15.17
CA ALA A 207 -15.60 -11.97 16.00
C ALA A 207 -14.32 -12.77 15.82
N GLN A 208 -13.82 -12.86 14.58
CA GLN A 208 -12.56 -13.59 14.36
C GLN A 208 -11.42 -12.91 15.12
N ILE A 209 -11.39 -11.58 15.07
CA ILE A 209 -10.34 -10.81 15.73
C ILE A 209 -10.42 -11.00 17.24
N GLU A 210 -11.64 -10.92 17.77
CA GLU A 210 -11.83 -11.13 19.22
C GLU A 210 -11.29 -12.48 19.65
N ALA A 211 -11.58 -13.53 18.88
CA ALA A 211 -11.13 -14.87 19.24
C ALA A 211 -9.62 -14.99 19.17
N ALA A 212 -9.03 -14.43 18.11
CA ALA A 212 -7.59 -14.44 18.01
C ALA A 212 -6.92 -13.65 19.14
N LYS A 213 -7.48 -12.50 19.45
CA LYS A 213 -6.97 -11.63 20.51
C LYS A 213 -6.94 -12.41 21.84
N LYS A 214 -8.04 -13.09 22.14
CA LYS A 214 -8.13 -13.94 23.34
C LYS A 214 -7.11 -15.07 23.33
N ASP A 215 -6.87 -15.67 22.16
CA ASP A 215 -5.92 -16.75 22.08
C ASP A 215 -4.45 -16.32 21.97
N GLY A 216 -4.20 -15.01 21.90
CA GLY A 216 -2.85 -14.47 21.77
C GLY A 216 -2.24 -14.79 20.41
N ASP A 217 -3.10 -14.83 19.39
CA ASP A 217 -2.68 -15.20 18.03
C ASP A 217 -2.91 -14.01 17.08
N THR A 218 -2.55 -14.20 15.81
CA THR A 218 -2.66 -13.14 14.84
C THR A 218 -3.40 -13.66 13.60
N LEU A 219 -3.96 -12.72 12.86
CA LEU A 219 -4.76 -13.00 11.65
C LEU A 219 -4.29 -12.19 10.44
N GLY A 220 -4.44 -12.80 9.27
CA GLY A 220 -4.32 -12.09 7.99
C GLY A 220 -5.70 -11.93 7.35
N GLY A 221 -5.71 -11.67 6.05
CA GLY A 221 -6.96 -11.42 5.39
C GLY A 221 -6.76 -11.00 3.94
N VAL A 222 -7.89 -10.71 3.32
CA VAL A 222 -7.97 -10.32 1.91
C VAL A 222 -8.64 -8.97 1.80
N VAL A 223 -8.03 -8.08 1.01
CA VAL A 223 -8.55 -6.77 0.77
C VAL A 223 -8.76 -6.58 -0.75
N GLU A 224 -9.69 -5.70 -1.10
CA GLU A 224 -9.90 -5.30 -2.49
C GLU A 224 -9.80 -3.79 -2.65
N ALA A 225 -8.92 -3.34 -3.54
CA ALA A 225 -8.89 -1.96 -3.96
C ALA A 225 -9.65 -1.83 -5.27
N VAL A 226 -10.34 -0.72 -5.38
CA VAL A 226 -11.18 -0.40 -6.52
C VAL A 226 -10.79 0.98 -7.00
N ALA A 227 -10.56 1.13 -8.30
CA ALA A 227 -10.36 2.45 -8.91
C ALA A 227 -11.45 2.70 -9.94
N LEU A 228 -12.14 3.82 -9.76
CA LEU A 228 -13.31 4.15 -10.53
C LEU A 228 -13.02 5.33 -11.44
N GLY A 229 -13.62 5.34 -12.63
CA GLY A 229 -13.58 6.48 -13.52
C GLY A 229 -12.45 6.46 -14.53
N LEU A 230 -11.75 5.35 -14.66
CA LEU A 230 -10.54 5.31 -15.51
C LEU A 230 -10.93 5.34 -16.98
N PRO A 231 -10.13 6.05 -17.81
CA PRO A 231 -10.36 5.99 -19.25
C PRO A 231 -9.86 4.67 -19.81
N VAL A 232 -10.37 4.29 -20.98
CA VAL A 232 -9.86 3.12 -21.66
C VAL A 232 -8.48 3.41 -22.20
N GLY A 233 -7.57 2.46 -22.05
CA GLY A 233 -6.29 2.48 -22.73
C GLY A 233 -5.06 2.93 -21.96
N LEU A 234 -5.13 2.96 -20.62
CA LEU A 234 -3.91 3.02 -19.81
C LEU A 234 -3.27 1.66 -19.72
N GLY A 235 -1.93 1.61 -19.70
CA GLY A 235 -1.19 0.36 -19.82
C GLY A 235 -1.08 0.02 -21.31
N SER A 236 -0.33 -1.03 -21.63
CA SER A 236 -0.25 -1.50 -23.02
C SER A 236 -0.03 -3.01 -23.08
N PHE A 237 -0.45 -3.58 -24.20
CA PHE A 237 -0.19 -4.97 -24.51
C PHE A 237 1.14 -5.21 -25.17
N THR A 238 1.88 -4.14 -25.51
CA THR A 238 3.06 -4.28 -26.38
C THR A 238 4.22 -5.04 -25.78
N SER A 239 4.33 -5.08 -24.44
CA SER A 239 5.28 -5.98 -23.83
C SER A 239 4.86 -6.24 -22.39
N GLY A 240 5.37 -7.33 -21.81
CA GLY A 240 4.95 -7.75 -20.45
C GLY A 240 5.10 -6.64 -19.43
N ASP A 241 6.20 -5.91 -19.51
CA ASP A 241 6.45 -4.89 -18.51
C ASP A 241 5.61 -3.64 -18.62
N HIS A 242 5.03 -3.38 -19.80
CA HIS A 242 4.16 -2.24 -19.99
C HIS A 242 2.69 -2.51 -19.62
N ARG A 243 2.38 -3.77 -19.33
CA ARG A 243 1.02 -4.17 -18.97
C ARG A 243 0.68 -3.64 -17.56
N LEU A 244 -0.50 -3.06 -17.41
CA LEU A 244 -0.91 -2.52 -16.11
CA LEU A 244 -0.90 -2.53 -16.08
C LEU A 244 -1.07 -3.63 -15.07
N ASP A 245 -1.48 -4.83 -15.50
CA ASP A 245 -1.60 -5.92 -14.54
C ASP A 245 -0.26 -6.32 -13.95
N SER A 246 0.77 -6.40 -14.79
CA SER A 246 2.13 -6.59 -14.36
C SER A 246 2.56 -5.51 -13.33
N GLN A 247 2.36 -4.26 -13.71
CA GLN A 247 2.82 -3.14 -12.88
C GLN A 247 2.08 -3.11 -11.54
N LEU A 248 0.78 -3.37 -11.57
CA LEU A 248 -0.02 -3.38 -10.33
C LEU A 248 0.40 -4.54 -9.44
N ALA A 249 0.63 -5.71 -10.04
CA ALA A 249 1.08 -6.89 -9.28
C ALA A 249 2.40 -6.61 -8.56
N ALA A 250 3.34 -5.95 -9.24
CA ALA A 250 4.63 -5.58 -8.63
C ALA A 250 4.40 -4.64 -7.44
N ALA A 251 3.57 -3.63 -7.66
CA ALA A 251 3.39 -2.55 -6.66
C ALA A 251 2.69 -3.12 -5.42
N VAL A 252 1.74 -4.03 -5.63
CA VAL A 252 0.96 -4.60 -4.51
C VAL A 252 1.70 -5.76 -3.82
N MET A 253 2.32 -6.68 -4.57
CA MET A 253 3.02 -7.79 -3.93
C MET A 253 4.22 -7.29 -3.13
N GLY A 254 4.78 -6.15 -3.51
CA GLY A 254 5.90 -5.55 -2.81
C GLY A 254 5.54 -4.88 -1.50
N ILE A 255 4.27 -4.83 -1.16
CA ILE A 255 3.83 -4.40 0.18
C ILE A 255 4.14 -5.51 1.17
N GLN A 256 4.73 -5.11 2.30
CA GLN A 256 5.01 -6.04 3.40
C GLN A 256 3.79 -6.97 3.68
N ALA A 257 4.08 -8.27 3.79
CA ALA A 257 3.14 -9.35 4.18
C ALA A 257 2.14 -9.77 3.11
N ILE A 258 2.21 -9.16 1.92
CA ILE A 258 1.29 -9.59 0.83
C ILE A 258 1.88 -10.87 0.17
N LYS A 259 1.06 -11.91 0.09
CA LYS A 259 1.48 -13.20 -0.48
C LYS A 259 0.69 -13.62 -1.73
N GLY A 260 -0.29 -12.81 -2.10
CA GLY A 260 -1.16 -13.09 -3.25
C GLY A 260 -1.75 -11.83 -3.82
N VAL A 261 -1.89 -11.76 -5.16
CA VAL A 261 -2.52 -10.64 -5.81
C VAL A 261 -3.42 -11.22 -6.92
N GLU A 262 -4.60 -10.65 -7.03
CA GLU A 262 -5.57 -11.01 -8.09
C GLU A 262 -6.03 -9.75 -8.79
N ILE A 263 -6.29 -9.88 -10.11
CA ILE A 263 -6.98 -8.86 -10.86
C ILE A 263 -8.39 -9.41 -11.12
N GLY A 264 -9.41 -8.66 -10.74
CA GLY A 264 -10.77 -9.17 -10.86
C GLY A 264 -10.98 -10.46 -10.10
N ASP A 265 -11.70 -11.40 -10.73
CA ASP A 265 -12.05 -12.66 -10.07
C ASP A 265 -10.90 -13.69 -9.97
N GLY A 266 -9.69 -13.34 -10.47
CA GLY A 266 -8.49 -14.05 -10.14
C GLY A 266 -8.50 -15.56 -10.20
N PHE A 267 -8.17 -16.19 -9.07
CA PHE A 267 -8.10 -17.63 -9.00
C PHE A 267 -9.44 -18.31 -9.27
N GLN A 268 -10.54 -17.64 -8.93
CA GLN A 268 -11.87 -18.21 -9.22
C GLN A 268 -12.11 -18.27 -10.73
N THR A 269 -11.66 -17.25 -11.44
CA THR A 269 -11.71 -17.27 -12.92
C THR A 269 -11.06 -18.54 -13.50
N ALA A 270 -9.97 -18.99 -12.92
CA ALA A 270 -9.28 -20.18 -13.39
C ALA A 270 -10.09 -21.47 -13.24
N ARG A 271 -11.19 -21.42 -12.50
CA ARG A 271 -12.07 -22.57 -12.26
CA ARG A 271 -12.02 -22.61 -12.32
C ARG A 271 -13.32 -22.53 -13.12
N ARG A 272 -13.41 -21.53 -14.00
CA ARG A 272 -14.61 -21.30 -14.79
C ARG A 272 -14.40 -21.70 -16.24
N ARG A 273 -15.50 -21.97 -16.93
CA ARG A 273 -15.45 -22.14 -18.37
C ARG A 273 -15.43 -20.82 -19.10
N GLY A 274 -14.77 -20.81 -20.26
CA GLY A 274 -14.66 -19.63 -21.08
C GLY A 274 -15.97 -18.96 -21.37
N SER A 275 -17.01 -19.77 -21.62
CA SER A 275 -18.34 -19.21 -21.86
C SER A 275 -18.93 -18.42 -20.69
N ARG A 276 -18.38 -18.56 -19.48
CA ARG A 276 -18.87 -17.86 -18.31
C ARG A 276 -17.76 -17.08 -17.57
N ALA A 277 -16.63 -16.81 -18.23
CA ALA A 277 -15.44 -16.26 -17.55
C ALA A 277 -15.11 -14.82 -17.92
N HIS A 278 -15.65 -14.33 -19.05
CA HIS A 278 -15.28 -13.03 -19.62
C HIS A 278 -16.44 -12.06 -19.61
N ASP A 279 -16.18 -10.82 -20.02
CA ASP A 279 -17.15 -9.77 -19.92
C ASP A 279 -17.64 -9.36 -21.29
N GLU A 280 -18.84 -9.86 -21.62
CA GLU A 280 -19.39 -9.62 -22.94
C GLU A 280 -19.74 -8.15 -23.08
N MET A 281 -19.74 -7.69 -24.34
CA MET A 281 -19.94 -6.29 -24.66
C MET A 281 -21.25 -6.08 -25.44
N TYR A 282 -21.92 -4.98 -25.14
CA TYR A 282 -23.21 -4.63 -25.73
C TYR A 282 -23.30 -3.16 -26.10
N PRO A 283 -24.14 -2.83 -27.10
CA PRO A 283 -24.32 -1.44 -27.44
C PRO A 283 -24.95 -0.65 -26.29
N GLY A 284 -24.53 0.60 -26.14
CA GLY A 284 -25.07 1.48 -25.14
C GLY A 284 -25.15 2.88 -25.69
N PRO A 285 -25.80 3.80 -24.94
CA PRO A 285 -25.96 5.17 -25.41
C PRO A 285 -24.63 5.80 -25.79
N ASP A 286 -23.70 5.81 -24.83
CA ASP A 286 -22.43 6.52 -24.97
C ASP A 286 -21.28 5.54 -25.14
N GLY A 287 -21.50 4.50 -25.95
CA GLY A 287 -20.47 3.51 -26.23
C GLY A 287 -20.78 2.14 -25.69
N VAL A 288 -19.80 1.26 -25.81
CA VAL A 288 -19.92 -0.13 -25.40
C VAL A 288 -20.16 -0.21 -23.88
N VAL A 289 -21.06 -1.10 -23.47
CA VAL A 289 -21.31 -1.36 -22.06
C VAL A 289 -21.20 -2.86 -21.78
N ARG A 290 -20.99 -3.21 -20.52
CA ARG A 290 -20.86 -4.60 -20.09
C ARG A 290 -21.73 -4.79 -18.87
N SER A 291 -22.19 -6.02 -18.66
CA SER A 291 -23.00 -6.33 -17.49
C SER A 291 -22.20 -7.03 -16.40
N THR A 292 -20.99 -7.52 -16.74
CA THR A 292 -20.10 -8.13 -15.76
C THR A 292 -18.69 -7.47 -15.79
N ASN A 293 -17.95 -7.65 -14.71
CA ASN A 293 -16.56 -7.21 -14.61
C ASN A 293 -15.67 -8.24 -13.94
N ARG A 294 -15.73 -9.45 -14.48
CA ARG A 294 -14.91 -10.55 -14.05
C ARG A 294 -13.42 -10.27 -14.23
N ALA A 295 -13.08 -9.52 -15.29
CA ALA A 295 -11.69 -9.20 -15.62
C ALA A 295 -11.07 -8.19 -14.65
N GLY A 296 -11.92 -7.50 -13.85
CA GLY A 296 -11.41 -6.46 -12.94
C GLY A 296 -10.87 -5.22 -13.62
N GLY A 297 -11.43 -4.86 -14.77
CA GLY A 297 -11.13 -3.60 -15.42
C GLY A 297 -9.88 -3.59 -16.30
N LEU A 298 -9.25 -4.75 -16.49
CA LEU A 298 -8.06 -4.89 -17.34
C LEU A 298 -8.22 -6.02 -18.36
N GLU A 299 -7.91 -5.71 -19.61
CA GLU A 299 -7.79 -6.75 -20.65
C GLU A 299 -6.55 -6.41 -21.48
N GLY A 300 -5.74 -7.41 -21.78
CA GLY A 300 -4.51 -7.21 -22.52
C GLY A 300 -3.56 -6.22 -21.88
N GLY A 301 -3.64 -6.10 -20.54
CA GLY A 301 -2.80 -5.17 -19.81
C GLY A 301 -3.25 -3.74 -19.80
N MET A 302 -4.47 -3.48 -20.29
CA MET A 302 -5.04 -2.12 -20.44
C MET A 302 -6.36 -1.95 -19.72
N THR A 303 -6.58 -0.73 -19.23
CA THR A 303 -7.87 -0.36 -18.68
C THR A 303 -8.94 -0.45 -19.78
N ASN A 304 -10.07 -1.03 -19.45
CA ASN A 304 -11.08 -1.34 -20.45
C ASN A 304 -12.37 -0.61 -20.22
N GLY A 305 -12.37 0.35 -19.32
CA GLY A 305 -13.58 1.15 -19.02
C GLY A 305 -14.29 0.79 -17.72
N GLN A 306 -14.13 -0.46 -17.29
N GLN A 306 -14.15 -0.46 -17.30
CA GLN A 306 -14.79 -0.97 -16.10
CA GLN A 306 -14.82 -0.94 -16.09
C GLN A 306 -13.97 -0.68 -14.85
C GLN A 306 -14.02 -0.55 -14.85
N PRO A 307 -14.62 -0.73 -13.66
CA PRO A 307 -13.84 -0.52 -12.45
C PRO A 307 -12.63 -1.43 -12.40
N LEU A 308 -11.48 -0.86 -12.00
CA LEU A 308 -10.31 -1.67 -11.74
C LEU A 308 -10.50 -2.32 -10.37
N ARG A 309 -10.28 -3.62 -10.29
CA ARG A 309 -10.37 -4.35 -9.03
C ARG A 309 -9.12 -5.17 -8.79
N VAL A 310 -8.43 -4.88 -7.68
CA VAL A 310 -7.19 -5.58 -7.35
C VAL A 310 -7.35 -6.12 -5.93
N ARG A 311 -7.17 -7.42 -5.78
CA ARG A 311 -7.24 -8.05 -4.45
C ARG A 311 -5.88 -8.49 -3.99
N ALA A 312 -5.65 -8.40 -2.67
CA ALA A 312 -4.38 -8.73 -2.09
C ALA A 312 -4.62 -9.60 -0.85
N ALA A 313 -3.83 -10.67 -0.72
CA ALA A 313 -3.84 -11.58 0.42
C ALA A 313 -2.70 -11.22 1.36
N MET A 314 -3.04 -10.85 2.60
CA MET A 314 -2.06 -10.51 3.61
C MET A 314 -1.92 -11.67 4.59
N LYS A 315 -0.68 -12.09 4.83
CA LYS A 315 -0.44 -13.14 5.81
C LYS A 315 -0.64 -12.57 7.22
N PRO A 316 -0.96 -13.46 8.18
CA PRO A 316 -1.04 -12.99 9.56
C PRO A 316 0.32 -12.51 10.00
N ILE A 317 0.33 -11.46 10.79
N ILE A 317 0.33 -11.46 10.79
CA ILE A 317 1.58 -10.90 11.32
CA ILE A 317 1.57 -10.90 11.36
C ILE A 317 2.43 -12.00 11.96
C ILE A 317 2.43 -12.02 11.95
N SER A 318 3.75 -11.94 11.74
CA SER A 318 4.66 -13.02 12.12
C SER A 318 5.18 -12.90 13.53
N THR A 319 5.17 -11.69 14.07
CA THR A 319 5.52 -11.46 15.46
C THR A 319 4.32 -11.90 16.31
N VAL A 320 4.33 -13.16 16.76
CA VAL A 320 3.26 -13.70 17.61
C VAL A 320 3.69 -13.53 19.07
N PRO A 321 2.83 -12.94 19.92
CA PRO A 321 3.21 -12.54 21.27
C PRO A 321 4.11 -13.53 22.00
N ARG A 322 3.88 -14.82 21.81
N ARG A 322 3.87 -14.82 21.80
CA ARG A 322 4.73 -15.83 22.42
CA ARG A 322 4.67 -15.89 22.38
C ARG A 322 5.85 -16.32 21.48
C ARG A 322 6.00 -16.18 21.64
N ALA A 323 6.25 -15.47 20.55
CA ALA A 323 7.38 -15.74 19.66
C ALA A 323 7.60 -17.22 19.27
N LEU A 324 7.74 -17.43 17.97
CA LEU A 324 7.81 -18.77 17.36
C LEU A 324 9.22 -19.37 17.49
N ALA A 325 9.39 -20.64 17.13
CA ALA A 325 10.70 -21.29 17.29
C ALA A 325 11.69 -20.86 16.22
N THR A 326 12.91 -20.59 16.66
CA THR A 326 13.98 -20.17 15.76
C THR A 326 15.36 -20.62 16.28
N VAL A 327 16.42 -20.06 15.70
CA VAL A 327 17.79 -20.36 16.07
C VAL A 327 18.45 -19.05 16.50
N ASP A 328 19.26 -19.11 17.56
CA ASP A 328 20.07 -17.97 17.92
C ASP A 328 21.31 -18.05 17.05
N LEU A 329 21.45 -17.11 16.11
CA LEU A 329 22.54 -17.17 15.13
C LEU A 329 23.92 -16.98 15.76
N ALA A 330 23.94 -16.38 16.94
CA ALA A 330 25.19 -16.19 17.67
C ALA A 330 25.73 -17.54 18.15
N THR A 331 24.85 -18.43 18.56
CA THR A 331 25.25 -19.68 19.23
C THR A 331 24.90 -20.96 18.49
N GLY A 332 23.91 -20.91 17.61
CA GLY A 332 23.43 -22.09 16.92
C GLY A 332 22.36 -22.84 17.70
N ASP A 333 22.02 -22.34 18.88
CA ASP A 333 21.06 -23.01 19.74
C ASP A 333 19.64 -22.69 19.31
N GLU A 334 18.77 -23.65 19.58
CA GLU A 334 17.34 -23.39 19.52
CA GLU A 334 17.34 -23.45 19.59
C GLU A 334 17.01 -22.18 20.36
N ALA A 335 16.01 -21.42 19.94
CA ALA A 335 15.59 -20.21 20.65
C ALA A 335 14.17 -19.83 20.35
N VAL A 336 13.66 -18.87 21.09
CA VAL A 336 12.40 -18.22 20.82
C VAL A 336 12.77 -16.91 20.14
N ALA A 337 11.93 -16.47 19.22
CA ALA A 337 12.28 -15.32 18.38
C ALA A 337 12.27 -13.99 19.13
N ILE A 338 13.02 -13.01 18.59
CA ILE A 338 13.04 -11.67 19.20
C ILE A 338 11.64 -11.08 19.37
N HIS A 339 11.44 -10.43 20.52
CA HIS A 339 10.14 -9.83 20.80
C HIS A 339 10.10 -8.47 20.15
N GLN A 340 9.05 -8.21 19.38
CA GLN A 340 8.95 -6.97 18.60
C GLN A 340 7.50 -6.56 18.53
N ARG A 341 7.24 -5.48 17.78
CA ARG A 341 5.89 -5.01 17.53
C ARG A 341 5.04 -6.12 16.98
N SER A 342 3.88 -6.29 17.59
CA SER A 342 2.88 -7.24 17.13
C SER A 342 1.51 -6.60 17.30
N ASP A 343 0.64 -6.87 16.34
CA ASP A 343 -0.75 -6.53 16.49
C ASP A 343 -1.53 -7.81 16.17
N VAL A 344 -2.81 -7.83 16.50
CA VAL A 344 -3.61 -9.00 16.19
C VAL A 344 -3.89 -9.06 14.67
N CYS A 345 -4.15 -7.90 14.08
CA CYS A 345 -4.58 -7.81 12.67
CA CYS A 345 -4.51 -7.83 12.67
C CYS A 345 -4.28 -6.44 12.10
N ALA A 346 -3.61 -6.39 10.95
CA ALA A 346 -3.38 -5.13 10.26
C ALA A 346 -4.00 -5.11 8.86
N VAL A 347 -4.99 -5.95 8.63
CA VAL A 347 -5.58 -6.04 7.30
C VAL A 347 -6.28 -4.75 6.85
N PRO A 348 -7.11 -4.08 7.69
CA PRO A 348 -7.71 -2.84 7.25
C PRO A 348 -6.69 -1.78 6.77
N ALA A 349 -5.60 -1.63 7.52
CA ALA A 349 -4.52 -0.72 7.13
C ALA A 349 -3.83 -1.18 5.84
N ALA A 350 -3.61 -2.48 5.71
CA ALA A 350 -3.01 -3.04 4.49
C ALA A 350 -3.85 -2.62 3.28
N GLY A 351 -5.17 -2.60 3.44
CA GLY A 351 -6.06 -2.12 2.36
C GLY A 351 -5.77 -0.69 1.94
N VAL A 352 -5.59 0.20 2.93
CA VAL A 352 -5.25 1.57 2.64
C VAL A 352 -3.90 1.66 1.91
N VAL A 353 -2.93 0.83 2.28
CA VAL A 353 -1.63 0.81 1.61
C VAL A 353 -1.79 0.34 0.16
N VAL A 354 -2.61 -0.68 -0.05
CA VAL A 354 -2.91 -1.13 -1.43
C VAL A 354 -3.47 0.01 -2.27
N GLU A 355 -4.41 0.82 -1.73
CA GLU A 355 -4.94 1.96 -2.47
C GLU A 355 -3.81 2.86 -2.96
N THR A 356 -2.86 3.12 -2.08
CA THR A 356 -1.73 4.01 -2.39
C THR A 356 -0.87 3.49 -3.54
N MET A 357 -0.59 2.21 -3.51
CA MET A 357 0.27 1.60 -4.55
C MET A 357 -0.49 1.57 -5.89
N VAL A 358 -1.78 1.27 -5.85
CA VAL A 358 -2.63 1.36 -7.03
C VAL A 358 -2.63 2.78 -7.62
N ALA A 359 -2.81 3.80 -6.76
CA ALA A 359 -2.82 5.18 -7.20
C ALA A 359 -1.51 5.57 -7.90
N LEU A 360 -0.38 5.18 -7.30
CA LEU A 360 0.94 5.52 -7.83
C LEU A 360 1.09 4.95 -9.25
N VAL A 361 0.76 3.67 -9.40
CA VAL A 361 0.90 3.01 -10.71
C VAL A 361 -0.04 3.62 -11.74
N LEU A 362 -1.28 3.89 -11.34
CA LEU A 362 -2.24 4.52 -12.26
C LEU A 362 -1.82 5.91 -12.70
N ALA A 363 -1.32 6.72 -11.76
CA ALA A 363 -0.86 8.06 -12.08
C ALA A 363 0.31 7.97 -13.08
N ARG A 364 1.23 7.03 -12.86
CA ARG A 364 2.38 6.88 -13.73
C ARG A 364 1.89 6.53 -15.16
N ALA A 365 0.96 5.59 -15.24
CA ALA A 365 0.45 5.13 -16.54
C ALA A 365 -0.30 6.26 -17.27
N ALA A 366 -1.07 7.04 -16.52
CA ALA A 366 -1.77 8.18 -17.09
C ALA A 366 -0.80 9.21 -17.68
N LEU A 367 0.27 9.53 -16.96
CA LEU A 367 1.24 10.49 -17.46
C LEU A 367 2.03 9.95 -18.68
N GLU A 368 2.23 8.65 -18.70
CA GLU A 368 2.86 7.99 -19.86
C GLU A 368 2.04 8.21 -21.12
N LYS A 369 0.73 7.99 -21.06
CA LYS A 369 -0.14 8.17 -22.22
C LYS A 369 -0.42 9.62 -22.54
N PHE A 370 -0.77 10.41 -21.52
CA PHE A 370 -1.30 11.75 -21.78
C PHE A 370 -0.23 12.83 -21.75
N GLY A 371 0.96 12.51 -21.23
CA GLY A 371 2.05 13.46 -21.17
C GLY A 371 1.73 14.72 -20.41
N GLY A 372 2.40 15.79 -20.81
CA GLY A 372 2.23 17.09 -20.21
C GLY A 372 3.21 17.35 -19.09
N ASP A 373 3.46 18.64 -18.89
CA ASP A 373 4.29 19.14 -17.81
C ASP A 373 3.50 19.93 -16.74
N SER A 374 2.32 20.41 -17.12
CA SER A 374 1.41 21.03 -16.16
C SER A 374 0.06 20.33 -16.24
N LEU A 375 -0.69 20.36 -15.15
CA LEU A 375 -2.03 19.76 -15.12
C LEU A 375 -2.91 20.20 -16.26
N ALA A 376 -2.95 21.51 -16.55
CA ALA A 376 -3.80 22.01 -17.63
C ALA A 376 -3.47 21.38 -18.99
N GLU A 377 -2.17 21.16 -19.22
CA GLU A 377 -1.69 20.55 -20.45
C GLU A 377 -2.15 19.08 -20.52
N THR A 378 -1.89 18.35 -19.45
CA THR A 378 -2.34 16.97 -19.38
C THR A 378 -3.85 16.87 -19.57
N GLN A 379 -4.58 17.77 -18.92
CA GLN A 379 -6.04 17.79 -19.07
C GLN A 379 -6.50 18.02 -20.50
N ARG A 380 -5.85 18.92 -21.23
CA ARG A 380 -6.20 19.14 -22.63
C ARG A 380 -6.00 17.88 -23.44
N ASN A 381 -4.90 17.18 -23.16
CA ASN A 381 -4.57 15.96 -23.90
C ASN A 381 -5.56 14.86 -23.59
N ILE A 382 -5.96 14.75 -22.33
CA ILE A 382 -6.98 13.80 -21.93
C ILE A 382 -8.29 14.09 -22.65
N ALA A 383 -8.71 15.35 -22.63
CA ALA A 383 -9.96 15.74 -23.28
C ALA A 383 -9.98 15.41 -24.77
N ALA A 384 -8.87 15.69 -25.46
CA ALA A 384 -8.77 15.42 -26.89
C ALA A 384 -8.86 13.92 -27.17
N TYR A 385 -8.18 13.11 -26.36
CA TYR A 385 -8.30 11.67 -26.49
C TYR A 385 -9.74 11.19 -26.26
N GLN A 386 -10.36 11.67 -25.19
CA GLN A 386 -11.76 11.29 -24.90
C GLN A 386 -12.68 11.67 -26.04
N ARG A 387 -12.49 12.86 -26.59
CA ARG A 387 -13.27 13.29 -27.75
C ARG A 387 -13.06 12.39 -28.97
N SER A 388 -11.82 11.99 -29.21
N SER A 388 -11.81 11.99 -29.20
CA SER A 388 -11.51 11.13 -30.35
CA SER A 388 -11.47 11.11 -30.31
C SER A 388 -12.18 9.77 -30.19
C SER A 388 -12.19 9.78 -30.19
N VAL A 389 -12.25 9.27 -28.96
CA VAL A 389 -12.93 8.02 -28.67
C VAL A 389 -14.44 8.20 -28.82
N ALA A 390 -14.96 9.29 -28.28
CA ALA A 390 -16.40 9.58 -28.43
C ALA A 390 -16.76 9.65 -29.91
N ASP A 391 -15.92 10.31 -30.70
CA ASP A 391 -16.20 10.48 -32.14
C ASP A 391 -16.18 9.15 -32.89
N ARG A 392 -15.85 8.07 -32.18
CA ARG A 392 -16.14 6.71 -32.66
C ARG A 392 -17.52 6.27 -32.19
C ACT B . 8.39 -8.45 -17.29
O ACT B . 9.64 -8.39 -17.28
OXT ACT B . 7.84 -9.06 -18.23
CH3 ACT B . 7.56 -7.79 -16.23
C ACT C . -6.36 12.97 -1.38
O ACT C . -6.06 12.59 -0.23
OXT ACT C . -7.47 12.58 -1.82
CH3 ACT C . -5.45 13.84 -2.18
C ACT D . 6.68 -4.59 11.16
O ACT D . 7.15 -5.62 11.67
OXT ACT D . 6.55 -4.57 9.92
CH3 ACT D . 6.24 -3.42 11.98
C ACT E . 2.94 0.35 11.09
O ACT E . 1.78 0.35 10.62
OXT ACT E . 3.47 1.44 11.34
CH3 ACT E . 3.65 -0.96 11.33
NA NA F . -1.86 23.73 -14.64
NA NA G . -16.86 -4.15 -10.71
N1 FMN H . 4.64 -7.68 10.82
C2 FMN H . 4.92 -7.87 12.15
O2 FMN H . 5.58 -8.84 12.49
N3 FMN H . 4.43 -6.99 13.09
C4 FMN H . 3.66 -5.92 12.73
O4 FMN H . 3.25 -5.11 13.57
C4A FMN H . 3.40 -5.70 11.36
N5 FMN H . 2.64 -4.63 10.98
C5A FMN H . 2.34 -4.47 9.63
C6 FMN H . 1.53 -3.40 9.27
C7 FMN H . 1.19 -3.17 7.94
C7M FMN H . 0.19 -2.12 7.61
C8 FMN H . 1.70 -4.05 6.98
C8M FMN H . 1.20 -3.90 5.56
C9 FMN H . 2.51 -5.15 7.31
C9A FMN H . 2.85 -5.37 8.67
N10 FMN H . 3.66 -6.40 9.06
C10 FMN H . 3.89 -6.62 10.43
C1' FMN H . 4.31 -7.38 8.12
C2' FMN H . 5.85 -7.38 8.06
O2' FMN H . 6.34 -6.06 7.86
C3' FMN H . 6.31 -8.33 6.95
O3' FMN H . 5.69 -9.61 7.12
C4' FMN H . 7.83 -8.47 6.89
O4' FMN H . 8.46 -7.23 6.48
C5' FMN H . 8.33 -9.58 5.97
O5' FMN H . 7.92 -9.30 4.63
P FMN H . 6.98 -10.38 3.86
O1P FMN H . 6.42 -9.52 2.75
O2P FMN H . 5.86 -10.76 4.83
O3P FMN H . 7.81 -11.53 3.44
#